data_3DMO
#
_entry.id   3DMO
#
_cell.length_a   60.495
_cell.length_b   72.308
_cell.length_c   83.327
_cell.angle_alpha   90.00
_cell.angle_beta   111.29
_cell.angle_gamma   90.00
#
_symmetry.space_group_name_H-M   'P 1 21 1'
#
loop_
_entity.id
_entity.type
_entity.pdbx_description
1 polymer 'Cytidine deaminase'
2 non-polymer 'ZINC ION'
3 non-polymer (4R)-2-METHYLPENTANE-2,4-DIOL
4 non-polymer 'PHOSPHATE ION'
5 water water
#
_entity_poly.entity_id   1
_entity_poly.type   'polypeptide(L)'
_entity_poly.pdbx_seq_one_letter_code
;MAHHHHHHMTHHALIEAAKAAREKAYAPYSNFKVGAALVTNDGKVFHGCNVENASYGLCNCAERTALFSALAAGYRPGEF
AAIAVVGETHGPIAPCGACRQVMIELGKPTLEVVLTNMQGDVRVTSAGDLLPDAFYLA
;
_entity_poly.pdbx_strand_id   A,B,C,D
#
# COMPACT_ATOMS: atom_id res chain seq x y z
N HIS A 6 -10.63 1.50 29.88
CA HIS A 6 -11.57 0.38 29.53
C HIS A 6 -11.95 -0.47 30.75
N HIS A 7 -12.55 0.18 31.75
CA HIS A 7 -12.96 -0.44 33.02
C HIS A 7 -13.74 -1.75 32.89
N HIS A 8 -14.55 -1.87 31.84
CA HIS A 8 -15.41 -3.05 31.69
C HIS A 8 -14.92 -4.02 30.60
N MET A 9 -13.71 -3.78 30.11
CA MET A 9 -13.08 -4.62 29.09
C MET A 9 -11.72 -5.10 29.59
N THR A 10 -11.63 -6.39 29.93
CA THR A 10 -10.36 -6.97 30.34
C THR A 10 -9.49 -7.28 29.11
N HIS A 11 -8.19 -7.49 29.33
CA HIS A 11 -7.32 -7.95 28.25
C HIS A 11 -7.80 -9.29 27.73
N HIS A 12 -8.25 -10.17 28.64
CA HIS A 12 -8.77 -11.48 28.27
C HIS A 12 -9.98 -11.39 27.35
N ALA A 13 -10.92 -10.50 27.69
CA ALA A 13 -12.11 -10.28 26.89
C ALA A 13 -11.78 -9.72 25.50
N LEU A 14 -10.82 -8.79 25.45
CA LEU A 14 -10.40 -8.17 24.18
C LEU A 14 -9.71 -9.21 23.28
N ILE A 15 -8.92 -10.09 23.88
CA ILE A 15 -8.26 -11.17 23.14
C ILE A 15 -9.28 -12.13 22.57
N GLU A 16 -10.29 -12.48 23.36
CA GLU A 16 -11.36 -13.36 22.89
C GLU A 16 -12.11 -12.76 21.69
N ALA A 17 -12.30 -11.45 21.70
CA ALA A 17 -12.92 -10.75 20.57
C ALA A 17 -12.01 -10.76 19.33
N ALA A 18 -10.70 -10.60 19.54
CA ALA A 18 -9.73 -10.66 18.44
C ALA A 18 -9.71 -12.04 17.80
N LYS A 19 -9.82 -13.09 18.60
CA LYS A 19 -9.88 -14.46 18.08
C LYS A 19 -11.17 -14.70 17.30
N ALA A 20 -12.29 -14.15 17.77
CA ALA A 20 -13.55 -14.23 17.03
C ALA A 20 -13.46 -13.50 15.69
N ALA A 21 -12.81 -12.33 15.70
CA ALA A 21 -12.53 -11.55 14.48
C ALA A 21 -11.72 -12.35 13.46
N ARG A 22 -10.66 -13.00 13.97
CA ARG A 22 -9.74 -13.80 13.16
C ARG A 22 -10.46 -14.86 12.34
N GLU A 23 -11.53 -15.44 12.89
CA GLU A 23 -12.29 -16.49 12.22
C GLU A 23 -12.91 -16.04 10.88
N LYS A 24 -13.10 -14.72 10.74
CA LYS A 24 -13.73 -14.15 9.56
C LYS A 24 -12.74 -13.69 8.48
N ALA A 25 -11.45 -13.93 8.72
CA ALA A 25 -10.41 -13.53 7.77
C ALA A 25 -10.66 -14.07 6.36
N TYR A 26 -10.27 -13.28 5.36
CA TYR A 26 -10.23 -13.74 3.98
C TYR A 26 -8.77 -13.79 3.59
N ALA A 27 -8.17 -14.97 3.76
CA ALA A 27 -6.74 -15.17 3.48
C ALA A 27 -6.46 -16.45 2.69
N PRO A 28 -7.04 -16.60 1.48
CA PRO A 28 -6.82 -17.83 0.72
C PRO A 28 -5.44 -17.90 0.08
N TYR A 29 -4.68 -16.80 0.11
CA TYR A 29 -3.35 -16.78 -0.51
C TYR A 29 -2.25 -17.16 0.47
N SER A 30 -2.22 -16.51 1.63
CA SER A 30 -1.24 -16.85 2.68
C SER A 30 -1.69 -18.03 3.52
N ASN A 31 -3.01 -18.23 3.59
CA ASN A 31 -3.62 -19.14 4.57
C ASN A 31 -3.21 -18.79 6.02
N PHE A 32 -2.93 -17.52 6.25
CA PHE A 32 -2.49 -17.05 7.56
C PHE A 32 -3.52 -16.05 8.05
N LYS A 33 -4.42 -16.51 8.92
CA LYS A 33 -5.50 -15.68 9.42
C LYS A 33 -5.06 -14.85 10.63
N VAL A 34 -5.41 -13.57 10.59
CA VAL A 34 -5.11 -12.67 11.70
C VAL A 34 -6.41 -11.99 12.13
N GLY A 35 -6.56 -11.77 13.44
CA GLY A 35 -7.70 -11.03 13.95
C GLY A 35 -7.26 -9.89 14.85
N ALA A 36 -8.09 -8.87 14.92
CA ALA A 36 -7.87 -7.75 15.82
C ALA A 36 -9.18 -7.30 16.40
N ALA A 37 -9.12 -6.76 17.60
CA ALA A 37 -10.30 -6.17 18.22
C ALA A 37 -9.91 -4.87 18.88
N LEU A 38 -10.67 -3.83 18.54
CA LEU A 38 -10.37 -2.47 18.94
C LEU A 38 -11.50 -2.00 19.85
N VAL A 39 -11.16 -1.44 21.01
CA VAL A 39 -12.19 -0.93 21.91
C VAL A 39 -12.04 0.57 22.02
N THR A 40 -13.16 1.28 21.88
CA THR A 40 -13.14 2.74 21.80
C THR A 40 -13.29 3.39 23.18
N ASN A 41 -13.17 4.70 23.21
CA ASN A 41 -13.40 5.50 24.41
C ASN A 41 -14.74 5.25 25.12
N ASP A 42 -15.80 4.96 24.35
CA ASP A 42 -17.11 4.69 24.93
C ASP A 42 -17.43 3.20 25.04
N GLY A 43 -16.40 2.36 24.86
CA GLY A 43 -16.52 0.92 25.10
C GLY A 43 -17.00 0.05 23.97
N LYS A 44 -17.19 0.64 22.79
CA LYS A 44 -17.60 -0.11 21.60
C LYS A 44 -16.42 -0.90 21.05
N VAL A 45 -16.69 -2.11 20.58
CA VAL A 45 -15.66 -3.01 20.07
C VAL A 45 -15.81 -3.18 18.56
N PHE A 46 -14.69 -3.06 17.85
CA PHE A 46 -14.67 -3.28 16.41
C PHE A 46 -13.74 -4.45 16.07
N HIS A 47 -14.26 -5.41 15.30
CA HIS A 47 -13.48 -6.53 14.78
C HIS A 47 -12.72 -6.11 13.53
N GLY A 48 -11.52 -6.66 13.37
CA GLY A 48 -10.79 -6.55 12.12
C GLY A 48 -10.17 -7.90 11.79
N CYS A 49 -10.02 -8.17 10.50
CA CYS A 49 -9.33 -9.36 10.05
C CYS A 49 -8.56 -8.99 8.79
N ASN A 50 -7.57 -9.80 8.43
CA ASN A 50 -6.88 -9.56 7.17
C ASN A 50 -7.78 -9.89 5.98
N VAL A 51 -7.63 -9.15 4.90
CA VAL A 51 -8.44 -9.32 3.70
C VAL A 51 -7.48 -9.29 2.54
N GLU A 52 -7.29 -10.45 1.92
CA GLU A 52 -6.27 -10.60 0.89
C GLU A 52 -6.81 -10.35 -0.52
N ASN A 53 -5.88 -10.21 -1.46
CA ASN A 53 -6.20 -9.98 -2.87
C ASN A 53 -5.19 -10.73 -3.71
N ALA A 54 -5.59 -11.16 -4.91
CA ALA A 54 -4.70 -11.92 -5.81
C ALA A 54 -3.46 -11.11 -6.15
N SER A 55 -3.63 -9.79 -6.22
CA SER A 55 -2.50 -8.88 -6.29
C SER A 55 -2.14 -8.54 -4.85
N TYR A 56 -1.06 -9.15 -4.36
CA TYR A 56 -0.70 -9.12 -2.94
C TYR A 56 -0.58 -7.71 -2.35
N GLY A 57 -0.14 -6.74 -3.15
CA GLY A 57 -0.01 -5.38 -2.66
C GLY A 57 -1.29 -4.73 -2.20
N LEU A 58 -2.43 -5.35 -2.51
CA LEU A 58 -3.74 -4.83 -2.09
C LEU A 58 -4.31 -5.54 -0.86
N CYS A 59 -3.57 -6.48 -0.31
CA CYS A 59 -3.97 -7.10 0.97
C CYS A 59 -4.05 -6.04 2.07
N ASN A 60 -5.03 -6.19 2.95
CA ASN A 60 -5.14 -5.34 4.13
C ASN A 60 -5.05 -6.17 5.41
N CYS A 61 -4.37 -5.63 6.41
CA CYS A 61 -4.17 -6.28 7.69
C CYS A 61 -5.35 -6.09 8.64
N ALA A 62 -5.49 -7.05 9.58
CA ALA A 62 -6.51 -7.01 10.63
C ALA A 62 -6.57 -5.71 11.44
N GLU A 63 -5.41 -5.24 11.90
CA GLU A 63 -5.31 -4.03 12.71
C GLU A 63 -5.92 -2.85 11.94
N ARG A 64 -5.54 -2.73 10.67
CA ARG A 64 -6.02 -1.64 9.83
C ARG A 64 -7.50 -1.77 9.49
N THR A 65 -7.96 -2.99 9.24
CA THR A 65 -9.40 -3.26 9.02
C THR A 65 -10.23 -2.79 10.22
N ALA A 66 -9.81 -3.15 11.44
CA ALA A 66 -10.50 -2.72 12.66
C ALA A 66 -10.54 -1.19 12.80
N LEU A 67 -9.40 -0.54 12.59
CA LEU A 67 -9.32 0.92 12.70
C LEU A 67 -10.12 1.65 11.62
N PHE A 68 -10.04 1.18 10.37
CA PHE A 68 -10.80 1.82 9.28
C PHE A 68 -12.32 1.68 9.51
N SER A 69 -12.73 0.53 10.05
CA SER A 69 -14.13 0.27 10.39
CA SER A 69 -14.13 0.27 10.40
C SER A 69 -14.63 1.24 11.47
N ALA A 70 -13.83 1.42 12.51
CA ALA A 70 -14.15 2.36 13.58
C ALA A 70 -14.22 3.81 13.05
N LEU A 71 -13.26 4.19 12.21
CA LEU A 71 -13.28 5.51 11.58
C LEU A 71 -14.55 5.74 10.76
N ALA A 72 -14.94 4.75 9.97
CA ALA A 72 -16.18 4.78 9.20
C ALA A 72 -17.45 4.90 10.08
N ALA A 73 -17.35 4.45 11.33
CA ALA A 73 -18.43 4.59 12.30
C ALA A 73 -18.41 5.92 13.04
N GLY A 74 -17.45 6.80 12.72
CA GLY A 74 -17.40 8.13 13.29
C GLY A 74 -16.46 8.32 14.47
N TYR A 75 -15.61 7.33 14.71
CA TYR A 75 -14.57 7.48 15.72
C TYR A 75 -13.40 8.16 15.05
N ARG A 76 -12.68 8.98 15.82
CA ARG A 76 -11.66 9.85 15.28
C ARG A 76 -10.32 9.55 15.95
N PRO A 77 -9.21 10.00 15.34
CA PRO A 77 -7.93 9.75 16.01
C PRO A 77 -7.92 10.12 17.49
N GLY A 78 -7.41 9.20 18.30
CA GLY A 78 -7.31 9.41 19.74
C GLY A 78 -8.50 8.90 20.53
N GLU A 79 -9.51 8.36 19.84
CA GLU A 79 -10.71 7.85 20.52
C GLU A 79 -10.68 6.37 20.83
N PHE A 80 -9.48 5.77 20.80
CA PHE A 80 -9.32 4.33 21.05
C PHE A 80 -8.57 4.04 22.35
N ALA A 81 -9.11 3.11 23.13
CA ALA A 81 -8.51 2.72 24.39
C ALA A 81 -7.46 1.63 24.23
N ALA A 82 -7.77 0.61 23.43
CA ALA A 82 -6.90 -0.56 23.27
C ALA A 82 -7.22 -1.31 22.00
N ILE A 83 -6.20 -2.01 21.49
CA ILE A 83 -6.36 -2.97 20.40
C ILE A 83 -5.67 -4.28 20.75
N ALA A 84 -6.37 -5.41 20.53
CA ALA A 84 -5.75 -6.74 20.66
C ALA A 84 -5.53 -7.32 19.27
N VAL A 85 -4.40 -7.99 19.06
CA VAL A 85 -4.08 -8.60 17.76
C VAL A 85 -3.65 -10.07 18.03
N VAL A 86 -4.14 -10.99 17.20
CA VAL A 86 -3.86 -12.43 17.40
C VAL A 86 -3.59 -13.14 16.05
N GLY A 87 -2.59 -14.01 16.05
CA GLY A 87 -2.35 -14.91 14.92
C GLY A 87 -1.72 -16.21 15.40
N GLU A 88 -1.54 -17.15 14.48
CA GLU A 88 -0.93 -18.44 14.78
C GLU A 88 0.60 -18.32 14.70
N THR A 89 1.18 -17.69 15.72
CA THR A 89 2.61 -17.42 15.75
C THR A 89 3.25 -18.02 17.00
N HIS A 90 4.57 -18.16 16.97
CA HIS A 90 5.30 -18.73 18.11
C HIS A 90 5.18 -17.87 19.38
N GLY A 91 5.57 -16.60 19.26
CA GLY A 91 5.34 -15.62 20.32
C GLY A 91 4.08 -14.80 20.05
N PRO A 92 3.82 -13.78 20.87
CA PRO A 92 2.73 -12.84 20.55
C PRO A 92 2.97 -12.25 19.16
N ILE A 93 1.92 -12.18 18.36
CA ILE A 93 2.03 -11.70 16.99
C ILE A 93 2.60 -10.27 16.95
N ALA A 94 3.52 -10.02 16.01
CA ALA A 94 4.12 -8.72 15.83
C ALA A 94 3.40 -7.97 14.70
N PRO A 95 2.79 -6.81 15.02
CA PRO A 95 2.22 -6.00 13.95
C PRO A 95 3.26 -5.59 12.92
N CYS A 96 2.87 -5.61 11.64
CA CYS A 96 3.77 -5.12 10.61
C CYS A 96 3.96 -3.61 10.71
N GLY A 97 5.00 -3.11 10.05
CA GLY A 97 5.36 -1.69 10.07
C GLY A 97 4.28 -0.75 9.53
N ALA A 98 3.59 -1.17 8.48
CA ALA A 98 2.45 -0.41 7.94
C ALA A 98 1.36 -0.25 8.98
N CYS A 99 0.98 -1.35 9.64
CA CYS A 99 0.01 -1.28 10.74
C CYS A 99 0.44 -0.40 11.90
N ARG A 100 1.73 -0.45 12.23
CA ARG A 100 2.30 0.42 13.28
C ARG A 100 2.16 1.91 12.94
N GLN A 101 2.37 2.25 11.67
CA GLN A 101 2.25 3.63 11.21
C GLN A 101 0.81 4.13 11.29
N VAL A 102 -0.14 3.26 10.93
CA VAL A 102 -1.56 3.59 11.00
C VAL A 102 -2.05 3.63 12.47
N MET A 103 -1.60 2.67 13.27
CA MET A 103 -1.90 2.68 14.70
C MET A 103 -1.42 3.93 15.40
N ILE A 104 -0.23 4.41 15.05
CA ILE A 104 0.29 5.59 15.74
C ILE A 104 -0.48 6.87 15.36
N GLU A 105 -0.86 6.99 14.09
CA GLU A 105 -1.64 8.14 13.64
C GLU A 105 -3.08 8.14 14.19
N LEU A 106 -3.75 6.99 14.10
CA LEU A 106 -5.13 6.89 14.52
C LEU A 106 -5.32 6.68 16.03
N GLY A 107 -4.40 5.96 16.66
CA GLY A 107 -4.52 5.65 18.09
C GLY A 107 -3.68 6.53 18.99
N LYS A 108 -2.71 7.24 18.41
CA LYS A 108 -1.70 8.05 19.11
C LYS A 108 -0.66 7.13 19.80
N PRO A 109 0.55 7.67 20.09
CA PRO A 109 1.60 6.86 20.75
C PRO A 109 1.17 6.08 21.99
N THR A 110 0.23 6.63 22.75
CA THR A 110 -0.22 5.99 24.00
C THR A 110 -1.25 4.87 23.84
N LEU A 111 -1.68 4.57 22.62
CA LEU A 111 -2.64 3.46 22.43
C LEU A 111 -2.07 2.16 23.00
N GLU A 112 -2.86 1.49 23.85
CA GLU A 112 -2.46 0.21 24.42
C GLU A 112 -2.64 -0.89 23.38
N VAL A 113 -1.58 -1.69 23.19
CA VAL A 113 -1.57 -2.74 22.18
C VAL A 113 -1.34 -4.08 22.88
N VAL A 114 -2.31 -4.97 22.79
CA VAL A 114 -2.26 -6.29 23.42
C VAL A 114 -1.99 -7.34 22.33
N LEU A 115 -0.79 -7.92 22.35
CA LEU A 115 -0.38 -8.88 21.31
C LEU A 115 -0.43 -10.29 21.86
N THR A 116 -0.98 -11.21 21.08
CA THR A 116 -1.11 -12.59 21.53
C THR A 116 -1.05 -13.60 20.38
N ASN A 117 -1.10 -14.88 20.70
CA ASN A 117 -1.16 -15.92 19.70
C ASN A 117 -2.27 -16.88 20.07
N MET A 118 -2.24 -18.09 19.51
CA MET A 118 -3.28 -19.08 19.77
C MET A 118 -2.87 -20.05 20.87
N GLN A 119 -1.80 -19.72 21.60
CA GLN A 119 -1.25 -20.61 22.63
C GLN A 119 -1.08 -19.94 24.00
N GLY A 120 -1.80 -18.84 24.22
CA GLY A 120 -1.76 -18.13 25.51
C GLY A 120 -0.60 -17.20 25.80
N ASP A 121 0.26 -16.96 24.81
CA ASP A 121 1.37 -16.02 25.01
C ASP A 121 0.92 -14.58 24.75
N VAL A 122 1.16 -13.72 25.73
CA VAL A 122 0.67 -12.33 25.68
C VAL A 122 1.79 -11.36 25.99
N ARG A 123 1.88 -10.28 25.22
CA ARG A 123 2.62 -9.12 25.69
C ARG A 123 1.85 -7.83 25.44
N VAL A 124 2.02 -6.89 26.37
CA VAL A 124 1.33 -5.62 26.31
C VAL A 124 2.34 -4.53 26.01
N THR A 125 2.03 -3.72 25.01
CA THR A 125 2.92 -2.66 24.61
C THR A 125 2.08 -1.44 24.22
N SER A 126 2.70 -0.46 23.57
CA SER A 126 2.00 0.74 23.08
C SER A 126 2.36 1.00 21.63
N ALA A 127 1.55 1.79 20.93
CA ALA A 127 1.84 2.13 19.53
C ALA A 127 3.19 2.86 19.42
N GLY A 128 3.47 3.74 20.39
CA GLY A 128 4.73 4.47 20.41
C GLY A 128 5.94 3.57 20.61
N ASP A 129 5.83 2.58 21.50
CA ASP A 129 6.94 1.64 21.73
C ASP A 129 7.22 0.77 20.50
N LEU A 130 6.17 0.43 19.76
CA LEU A 130 6.29 -0.38 18.54
C LEU A 130 6.94 0.39 17.39
N LEU A 131 6.86 1.71 17.45
CA LEU A 131 7.36 2.57 16.38
C LEU A 131 8.11 3.76 16.95
N PRO A 132 9.37 3.53 17.39
CA PRO A 132 10.14 4.61 18.04
C PRO A 132 10.51 5.72 17.06
N ASP A 133 10.42 6.96 17.54
CA ASP A 133 10.67 8.13 16.72
C ASP A 133 9.91 8.03 15.39
N ALA A 134 8.58 7.93 15.51
CA ALA A 134 7.71 7.74 14.35
C ALA A 134 7.69 8.94 13.40
N PHE A 135 7.41 8.67 12.13
CA PHE A 135 7.24 9.71 11.12
C PHE A 135 5.89 10.39 11.29
N TYR A 136 5.90 11.73 11.23
CA TYR A 136 4.68 12.54 11.21
C TYR A 136 4.78 13.62 10.14
N LEU A 137 3.63 14.08 9.66
CA LEU A 137 3.53 15.31 8.88
C LEU A 137 2.64 16.30 9.64
N ALA A 138 3.23 17.41 10.08
CA ALA A 138 2.52 18.41 10.86
C ALA A 138 1.54 19.22 10.01
N MET B 9 -34.12 -1.64 -1.56
CA MET B 9 -33.37 -0.38 -1.31
C MET B 9 -33.16 0.37 -2.62
N THR B 10 -33.54 1.65 -2.63
CA THR B 10 -33.39 2.49 -3.82
C THR B 10 -31.94 2.96 -4.00
N HIS B 11 -31.59 3.28 -5.25
CA HIS B 11 -30.32 3.93 -5.56
C HIS B 11 -30.19 5.26 -4.82
N HIS B 12 -31.29 6.01 -4.73
CA HIS B 12 -31.30 7.26 -3.97
C HIS B 12 -30.87 7.04 -2.52
N ALA B 13 -31.46 6.03 -1.88
CA ALA B 13 -31.13 5.68 -0.50
C ALA B 13 -29.66 5.28 -0.33
N LEU B 14 -29.14 4.53 -1.30
CA LEU B 14 -27.73 4.09 -1.25
C LEU B 14 -26.79 5.29 -1.38
N ILE B 15 -27.12 6.19 -2.29
CA ILE B 15 -26.37 7.42 -2.45
C ILE B 15 -26.40 8.28 -1.19
N GLU B 16 -27.56 8.37 -0.55
CA GLU B 16 -27.69 9.17 0.68
C GLU B 16 -26.84 8.56 1.80
N ALA B 17 -26.81 7.22 1.84
CA ALA B 17 -25.95 6.49 2.78
C ALA B 17 -24.46 6.80 2.54
N ALA B 18 -24.08 6.89 1.26
CA ALA B 18 -22.70 7.23 0.88
C ALA B 18 -22.34 8.65 1.29
N LYS B 19 -23.30 9.57 1.17
CA LYS B 19 -23.10 10.94 1.63
C LYS B 19 -22.91 11.02 3.15
N ALA B 20 -23.72 10.26 3.88
CA ALA B 20 -23.59 10.15 5.34
C ALA B 20 -22.23 9.56 5.71
N ALA B 21 -21.80 8.53 4.98
CA ALA B 21 -20.48 7.91 5.20
C ALA B 21 -19.35 8.92 5.02
N ARG B 22 -19.45 9.73 3.97
CA ARG B 22 -18.45 10.73 3.61
C ARG B 22 -18.13 11.70 4.74
N GLU B 23 -19.15 12.04 5.52
CA GLU B 23 -18.99 13.00 6.61
C GLU B 23 -18.00 12.55 7.67
N LYS B 24 -17.78 11.24 7.75
CA LYS B 24 -16.94 10.65 8.80
C LYS B 24 -15.49 10.45 8.36
N ALA B 25 -15.16 10.92 7.15
CA ALA B 25 -13.81 10.78 6.57
C ALA B 25 -12.69 11.42 7.40
N TYR B 26 -11.51 10.81 7.35
CA TYR B 26 -10.31 11.41 7.91
C TYR B 26 -9.36 11.73 6.77
N ALA B 27 -9.38 12.99 6.33
CA ALA B 27 -8.61 13.41 5.16
C ALA B 27 -7.93 14.76 5.36
N PRO B 28 -7.09 14.89 6.41
CA PRO B 28 -6.50 16.19 6.68
C PRO B 28 -5.38 16.59 5.70
N TYR B 29 -4.89 15.64 4.90
CA TYR B 29 -3.79 15.91 3.98
C TYR B 29 -4.27 16.40 2.62
N SER B 30 -5.28 15.76 2.05
CA SER B 30 -5.90 16.19 0.79
C SER B 30 -7.06 17.17 1.00
N ASN B 31 -7.61 17.18 2.21
CA ASN B 31 -8.84 17.92 2.52
C ASN B 31 -9.99 17.51 1.60
N PHE B 32 -9.95 16.27 1.14
CA PHE B 32 -10.90 15.77 0.16
C PHE B 32 -11.59 14.51 0.67
N LYS B 33 -12.81 14.69 1.18
CA LYS B 33 -13.58 13.60 1.79
C LYS B 33 -14.32 12.75 0.76
N VAL B 34 -14.24 11.43 0.93
CA VAL B 34 -14.96 10.49 0.10
C VAL B 34 -15.80 9.55 0.98
N GLY B 35 -17.01 9.26 0.51
CA GLY B 35 -17.88 8.28 1.15
C GLY B 35 -18.27 7.15 0.21
N ALA B 36 -18.51 5.99 0.79
CA ALA B 36 -19.05 4.84 0.07
C ALA B 36 -20.12 4.18 0.92
N ALA B 37 -21.08 3.55 0.26
CA ALA B 37 -22.07 2.74 0.95
C ALA B 37 -22.24 1.46 0.17
N LEU B 38 -21.98 0.34 0.85
CA LEU B 38 -22.03 -0.98 0.24
C LEU B 38 -23.25 -1.69 0.78
N VAL B 39 -24.08 -2.21 -0.10
CA VAL B 39 -25.24 -3.00 0.32
C VAL B 39 -25.09 -4.46 -0.07
N THR B 40 -25.30 -5.35 0.91
CA THR B 40 -25.17 -6.79 0.70
C THR B 40 -26.42 -7.34 0.02
N ASN B 41 -26.33 -8.57 -0.49
CA ASN B 41 -27.46 -9.25 -1.10
C ASN B 41 -28.63 -9.47 -0.13
N ASP B 42 -28.33 -9.58 1.16
CA ASP B 42 -29.40 -9.68 2.16
C ASP B 42 -29.80 -8.33 2.76
N GLY B 43 -29.25 -7.25 2.22
CA GLY B 43 -29.75 -5.91 2.49
C GLY B 43 -29.10 -5.10 3.61
N LYS B 44 -27.99 -5.58 4.16
CA LYS B 44 -27.26 -4.79 5.14
C LYS B 44 -26.35 -3.77 4.47
N VAL B 45 -26.29 -2.58 5.05
CA VAL B 45 -25.48 -1.48 4.52
C VAL B 45 -24.21 -1.27 5.36
N PHE B 46 -23.07 -1.14 4.68
CA PHE B 46 -21.81 -0.81 5.31
C PHE B 46 -21.28 0.52 4.77
N HIS B 47 -20.99 1.44 5.69
CA HIS B 47 -20.39 2.72 5.37
C HIS B 47 -18.88 2.58 5.18
N GLY B 48 -18.34 3.40 4.29
CA GLY B 48 -16.90 3.52 4.13
C GLY B 48 -16.54 4.97 3.92
N CYS B 49 -15.36 5.36 4.41
CA CYS B 49 -14.83 6.68 4.15
C CYS B 49 -13.34 6.53 3.91
N ASN B 50 -12.72 7.53 3.28
CA ASN B 50 -11.27 7.51 3.17
C ASN B 50 -10.63 7.85 4.52
N VAL B 51 -9.49 7.22 4.79
CA VAL B 51 -8.74 7.40 6.03
C VAL B 51 -7.29 7.59 5.63
N GLU B 52 -6.80 8.82 5.74
CA GLU B 52 -5.46 9.16 5.29
C GLU B 52 -4.39 8.92 6.35
N ASN B 53 -3.13 8.98 5.93
CA ASN B 53 -2.00 8.81 6.83
C ASN B 53 -0.89 9.74 6.38
N ALA B 54 -0.08 10.20 7.34
CA ALA B 54 1.10 11.03 7.03
C ALA B 54 2.01 10.37 6.00
N SER B 55 2.13 9.05 6.05
CA SER B 55 2.74 8.27 5.00
C SER B 55 1.65 8.01 3.95
N TYR B 56 1.69 8.76 2.84
CA TYR B 56 0.56 8.77 1.91
C TYR B 56 0.16 7.40 1.37
N GLY B 57 1.15 6.52 1.14
CA GLY B 57 0.92 5.21 0.57
C GLY B 57 0.06 4.35 1.47
N LEU B 58 -0.09 4.78 2.73
CA LEU B 58 -0.93 4.04 3.69
C LEU B 58 -2.36 4.55 3.77
N CYS B 59 -2.70 5.57 2.98
CA CYS B 59 -4.10 6.04 2.89
C CYS B 59 -5.00 4.92 2.41
N ASN B 60 -6.20 4.81 2.99
CA ASN B 60 -7.20 3.87 2.52
C ASN B 60 -8.42 4.59 1.95
N CYS B 61 -8.93 4.08 0.83
CA CYS B 61 -10.10 4.65 0.17
C CYS B 61 -11.43 4.21 0.79
N ALA B 62 -12.46 5.04 0.62
CA ALA B 62 -13.83 4.75 1.02
C ALA B 62 -14.34 3.38 0.57
N GLU B 63 -14.14 3.07 -0.72
CA GLU B 63 -14.62 1.81 -1.30
C GLU B 63 -14.05 0.61 -0.54
N ARG B 64 -12.75 0.67 -0.29
CA ARG B 64 -12.04 -0.39 0.41
C ARG B 64 -12.43 -0.46 1.88
N THR B 65 -12.59 0.70 2.51
CA THR B 65 -13.03 0.74 3.91
C THR B 65 -14.37 0.03 4.06
N ALA B 66 -15.30 0.27 3.14
CA ALA B 66 -16.63 -0.37 3.22
C ALA B 66 -16.56 -1.88 3.03
N LEU B 67 -15.81 -2.30 2.01
CA LEU B 67 -15.64 -3.73 1.70
C LEU B 67 -14.91 -4.49 2.81
N PHE B 68 -13.82 -3.91 3.33
CA PHE B 68 -13.09 -4.53 4.44
C PHE B 68 -13.97 -4.70 5.68
N SER B 69 -14.80 -3.69 5.96
CA SER B 69 -15.75 -3.73 7.06
CA SER B 69 -15.73 -3.74 7.08
C SER B 69 -16.75 -4.87 6.91
N ALA B 70 -17.27 -5.03 5.70
CA ALA B 70 -18.24 -6.10 5.42
C ALA B 70 -17.61 -7.49 5.56
N LEU B 71 -16.38 -7.64 5.09
CA LEU B 71 -15.64 -8.91 5.26
C LEU B 71 -15.43 -9.20 6.74
N ALA B 72 -15.04 -8.18 7.50
CA ALA B 72 -14.79 -8.32 8.94
C ALA B 72 -16.06 -8.70 9.70
N ALA B 73 -17.21 -8.35 9.14
CA ALA B 73 -18.50 -8.71 9.74
C ALA B 73 -18.91 -10.14 9.41
N GLY B 74 -18.20 -10.76 8.46
CA GLY B 74 -18.47 -12.15 8.11
C GLY B 74 -19.02 -12.40 6.72
N TYR B 75 -19.24 -11.33 5.96
CA TYR B 75 -19.62 -11.49 4.55
C TYR B 75 -18.46 -11.98 3.72
N ARG B 76 -18.77 -12.79 2.71
CA ARG B 76 -17.77 -13.38 1.83
C ARG B 76 -17.83 -12.75 0.45
N PRO B 77 -16.76 -12.87 -0.36
CA PRO B 77 -16.79 -12.35 -1.73
C PRO B 77 -18.00 -12.86 -2.53
N GLY B 78 -18.60 -11.96 -3.30
CA GLY B 78 -19.76 -12.31 -4.12
C GLY B 78 -21.10 -12.14 -3.43
N GLU B 79 -21.08 -11.76 -2.14
CA GLU B 79 -22.32 -11.62 -1.36
C GLU B 79 -22.85 -10.18 -1.32
N PHE B 80 -22.40 -9.36 -2.27
CA PHE B 80 -22.78 -7.95 -2.30
C PHE B 80 -23.58 -7.59 -3.55
N ALA B 81 -24.48 -6.62 -3.38
CA ALA B 81 -25.37 -6.22 -4.47
C ALA B 81 -24.83 -4.99 -5.20
N ALA B 82 -24.44 -3.96 -4.44
CA ALA B 82 -24.03 -2.70 -5.02
C ALA B 82 -23.19 -1.87 -4.07
N ILE B 83 -22.40 -0.96 -4.65
CA ILE B 83 -21.67 0.03 -3.89
C ILE B 83 -21.87 1.42 -4.51
N ALA B 84 -22.17 2.41 -3.67
CA ALA B 84 -22.21 3.81 -4.09
C ALA B 84 -20.98 4.54 -3.58
N VAL B 85 -20.46 5.47 -4.39
CA VAL B 85 -19.26 6.25 -4.05
C VAL B 85 -19.51 7.71 -4.37
N VAL B 86 -19.09 8.60 -3.48
CA VAL B 86 -19.37 10.03 -3.62
C VAL B 86 -18.23 10.90 -3.12
N GLY B 87 -17.92 11.94 -3.88
CA GLY B 87 -17.01 13.00 -3.46
C GLY B 87 -17.37 14.28 -4.20
N GLU B 88 -16.67 15.36 -3.87
CA GLU B 88 -16.88 16.65 -4.50
CA GLU B 88 -16.88 16.67 -4.49
C GLU B 88 -16.07 16.78 -5.79
N THR B 89 -16.42 15.97 -6.77
CA THR B 89 -15.76 15.97 -8.07
C THR B 89 -16.67 16.65 -9.10
N HIS B 90 -16.10 17.05 -10.24
CA HIS B 90 -16.85 17.75 -11.29
C HIS B 90 -17.98 16.87 -11.88
N GLY B 91 -17.62 15.66 -12.30
CA GLY B 91 -18.60 14.64 -12.69
C GLY B 91 -18.69 13.61 -11.59
N PRO B 92 -19.35 12.46 -11.86
CA PRO B 92 -19.33 11.36 -10.89
C PRO B 92 -17.90 10.96 -10.55
N ILE B 93 -17.62 10.75 -9.27
CA ILE B 93 -16.29 10.37 -8.81
C ILE B 93 -15.78 9.09 -9.50
N ALA B 94 -14.50 9.07 -9.84
CA ALA B 94 -13.87 7.91 -10.47
C ALA B 94 -13.04 7.12 -9.46
N PRO B 95 -13.40 5.84 -9.22
CA PRO B 95 -12.60 5.04 -8.29
C PRO B 95 -11.20 4.78 -8.84
N CYS B 96 -10.21 4.78 -7.95
CA CYS B 96 -8.82 4.57 -8.35
C CYS B 96 -8.60 3.09 -8.70
N GLY B 97 -7.49 2.79 -9.38
CA GLY B 97 -7.17 1.43 -9.78
C GLY B 97 -7.09 0.43 -8.62
N ALA B 98 -6.61 0.89 -7.47
CA ALA B 98 -6.47 0.03 -6.29
C ALA B 98 -7.85 -0.43 -5.82
N CYS B 99 -8.79 0.51 -5.73
CA CYS B 99 -10.16 0.17 -5.33
C CYS B 99 -10.81 -0.79 -6.34
N ARG B 100 -10.55 -0.55 -7.61
CA ARG B 100 -11.10 -1.38 -8.69
C ARG B 100 -10.62 -2.83 -8.55
N GLN B 101 -9.35 -3.01 -8.22
CA GLN B 101 -8.76 -4.34 -8.00
C GLN B 101 -9.41 -5.07 -6.82
N VAL B 102 -9.69 -4.33 -5.75
CA VAL B 102 -10.35 -4.91 -4.57
C VAL B 102 -11.83 -5.19 -4.86
N MET B 103 -12.50 -4.24 -5.51
CA MET B 103 -13.92 -4.43 -5.87
C MET B 103 -14.15 -5.65 -6.73
N ILE B 104 -13.25 -5.90 -7.69
CA ILE B 104 -13.46 -7.04 -8.59
C ILE B 104 -13.28 -8.37 -7.86
N GLU B 105 -12.35 -8.45 -6.92
CA GLU B 105 -12.18 -9.68 -6.15
C GLU B 105 -13.26 -9.90 -5.10
N LEU B 106 -13.59 -8.86 -4.33
CA LEU B 106 -14.60 -9.03 -3.27
C LEU B 106 -16.03 -8.90 -3.76
N GLY B 107 -16.25 -8.09 -4.79
CA GLY B 107 -17.60 -7.88 -5.32
C GLY B 107 -17.96 -8.76 -6.50
N LYS B 108 -16.95 -9.31 -7.17
CA LYS B 108 -17.08 -9.99 -8.48
C LYS B 108 -17.33 -8.98 -9.60
N PRO B 109 -17.01 -9.33 -10.87
CA PRO B 109 -17.21 -8.41 -11.98
C PRO B 109 -18.62 -7.81 -12.12
N THR B 110 -19.64 -8.55 -11.66
CA THR B 110 -21.03 -8.12 -11.80
C THR B 110 -21.49 -7.12 -10.72
N LEU B 111 -20.65 -6.88 -9.70
CA LEU B 111 -20.98 -5.88 -8.68
C LEU B 111 -21.37 -4.55 -9.31
N GLU B 112 -22.54 -4.04 -8.94
CA GLU B 112 -23.00 -2.75 -9.43
C GLU B 112 -22.31 -1.60 -8.69
N VAL B 113 -21.78 -0.65 -9.46
CA VAL B 113 -21.05 0.47 -8.89
C VAL B 113 -21.76 1.76 -9.29
N VAL B 114 -22.24 2.48 -8.29
CA VAL B 114 -22.99 3.71 -8.49
C VAL B 114 -22.07 4.88 -8.13
N LEU B 115 -21.66 5.63 -9.15
CA LEU B 115 -20.72 6.71 -8.95
C LEU B 115 -21.43 8.04 -9.02
N THR B 116 -21.13 8.92 -8.07
CA THR B 116 -21.84 10.19 -7.97
C THR B 116 -20.96 11.30 -7.39
N ASN B 117 -21.50 12.51 -7.34
CA ASN B 117 -20.82 13.64 -6.74
C ASN B 117 -21.76 14.41 -5.83
N MET B 118 -21.37 15.59 -5.38
CA MET B 118 -22.20 16.36 -4.46
C MET B 118 -23.20 17.25 -5.20
N GLN B 119 -23.22 17.13 -6.53
CA GLN B 119 -24.08 17.95 -7.39
C GLN B 119 -25.21 17.17 -8.05
N GLY B 120 -25.29 15.87 -7.79
CA GLY B 120 -26.37 15.05 -8.33
C GLY B 120 -26.08 14.32 -9.63
N ASP B 121 -24.84 14.42 -10.11
CA ASP B 121 -24.44 13.70 -11.32
C ASP B 121 -24.18 12.24 -10.99
N VAL B 122 -24.81 11.34 -11.73
CA VAL B 122 -24.70 9.91 -11.47
C VAL B 122 -24.32 9.11 -12.72
N ARG B 123 -23.52 8.06 -12.51
CA ARG B 123 -23.20 7.09 -13.54
C ARG B 123 -23.19 5.72 -12.86
N VAL B 124 -23.86 4.76 -13.48
CA VAL B 124 -23.89 3.39 -12.98
C VAL B 124 -23.00 2.54 -13.88
N THR B 125 -22.17 1.72 -13.26
CA THR B 125 -21.26 0.84 -13.99
C THR B 125 -21.14 -0.48 -13.22
N SER B 126 -20.19 -1.31 -13.59
CA SER B 126 -19.93 -2.54 -12.85
C SER B 126 -18.44 -2.65 -12.50
N ALA B 127 -18.10 -3.51 -11.55
CA ALA B 127 -16.70 -3.74 -11.21
C ALA B 127 -15.91 -4.24 -12.42
N GLY B 128 -16.55 -5.08 -13.24
CA GLY B 128 -15.92 -5.63 -14.45
C GLY B 128 -15.66 -4.58 -15.51
N ASP B 129 -16.61 -3.67 -15.70
CA ASP B 129 -16.45 -2.58 -16.67
C ASP B 129 -15.32 -1.64 -16.32
N LEU B 130 -15.11 -1.42 -15.02
CA LEU B 130 -14.10 -0.49 -14.54
C LEU B 130 -12.68 -1.03 -14.69
N LEU B 131 -12.58 -2.36 -14.79
CA LEU B 131 -11.29 -3.03 -14.82
C LEU B 131 -11.28 -4.13 -15.89
N PRO B 132 -11.12 -3.73 -17.17
CA PRO B 132 -11.15 -4.64 -18.32
C PRO B 132 -9.98 -5.62 -18.26
N ASP B 133 -10.23 -6.88 -18.62
CA ASP B 133 -9.22 -7.93 -18.60
C ASP B 133 -8.45 -7.93 -17.29
N ALA B 134 -9.16 -8.14 -16.19
CA ALA B 134 -8.59 -8.00 -14.85
C ALA B 134 -7.65 -9.15 -14.46
N PHE B 135 -6.78 -8.86 -13.50
CA PHE B 135 -5.88 -9.86 -12.91
C PHE B 135 -6.67 -10.77 -11.97
N MET C 9 13.96 0.61 -31.27
CA MET C 9 13.87 -0.61 -30.42
C MET C 9 12.61 -1.40 -30.76
N THR C 10 12.79 -2.68 -31.08
CA THR C 10 11.67 -3.54 -31.44
C THR C 10 10.88 -4.00 -30.21
N HIS C 11 9.62 -4.37 -30.43
CA HIS C 11 8.80 -4.99 -29.39
C HIS C 11 9.44 -6.28 -28.88
N HIS C 12 10.03 -7.06 -29.79
CA HIS C 12 10.74 -8.27 -29.41
C HIS C 12 11.87 -7.96 -28.43
N ALA C 13 12.68 -6.95 -28.72
CA ALA C 13 13.76 -6.52 -27.82
C ALA C 13 13.23 -6.09 -26.45
N LEU C 14 12.11 -5.37 -26.43
CA LEU C 14 11.50 -4.94 -25.16
C LEU C 14 10.97 -6.13 -24.34
N ILE C 15 10.31 -7.07 -25.02
CA ILE C 15 9.86 -8.29 -24.36
C ILE C 15 11.04 -9.08 -23.76
N GLU C 16 12.12 -9.20 -24.52
CA GLU C 16 13.32 -9.90 -24.05
C GLU C 16 13.91 -9.21 -22.82
N ALA C 17 13.91 -7.87 -22.84
CA ALA C 17 14.34 -7.09 -21.68
C ALA C 17 13.47 -7.37 -20.45
N ALA C 18 12.15 -7.49 -20.67
CA ALA C 18 11.21 -7.80 -19.58
C ALA C 18 11.45 -9.20 -19.02
N LYS C 19 11.80 -10.13 -19.89
CA LYS C 19 12.13 -11.49 -19.45
C LYS C 19 13.41 -11.51 -18.62
N ALA C 20 14.40 -10.74 -19.04
CA ALA C 20 15.64 -10.59 -18.28
C ALA C 20 15.38 -9.96 -16.91
N ALA C 21 14.52 -8.93 -16.90
CA ALA C 21 14.12 -8.25 -15.66
C ALA C 21 13.48 -9.23 -14.68
N ARG C 22 12.61 -10.08 -15.21
CA ARG C 22 11.86 -11.06 -14.43
C ARG C 22 12.73 -11.99 -13.59
N GLU C 23 13.89 -12.34 -14.13
CA GLU C 23 14.80 -13.26 -13.45
C GLU C 23 15.29 -12.72 -12.12
N LYS C 24 15.25 -11.40 -11.97
CA LYS C 24 15.78 -10.75 -10.77
C LYS C 24 14.72 -10.51 -9.68
N ALA C 25 13.53 -11.08 -9.88
CA ALA C 25 12.39 -10.89 -8.95
C ALA C 25 12.64 -11.47 -7.56
N TYR C 26 12.03 -10.84 -6.55
CA TYR C 26 12.01 -11.40 -5.21
C TYR C 26 10.57 -11.74 -4.84
N ALA C 27 10.23 -13.02 -5.02
CA ALA C 27 8.86 -13.47 -4.84
C ALA C 27 8.75 -14.78 -4.06
N PRO C 28 9.33 -14.82 -2.84
CA PRO C 28 9.36 -16.11 -2.13
C PRO C 28 7.99 -16.54 -1.60
N TYR C 29 7.02 -15.61 -1.54
CA TYR C 29 5.70 -15.88 -0.97
C TYR C 29 4.72 -16.44 -1.98
N SER C 30 4.64 -15.81 -3.16
CA SER C 30 3.80 -16.31 -4.26
C SER C 30 4.53 -17.30 -5.16
N ASN C 31 5.87 -17.26 -5.12
CA ASN C 31 6.71 -18.03 -6.04
C ASN C 31 6.41 -17.70 -7.50
N PHE C 32 5.94 -16.47 -7.74
CA PHE C 32 5.50 -16.05 -9.05
C PHE C 32 6.24 -14.79 -9.48
N LYS C 33 7.25 -14.98 -10.33
CA LYS C 33 8.12 -13.89 -10.77
C LYS C 33 7.51 -13.11 -11.91
N VAL C 34 7.58 -11.78 -11.82
CA VAL C 34 7.11 -10.91 -12.89
C VAL C 34 8.25 -9.95 -13.29
N GLY C 35 8.37 -9.71 -14.59
CA GLY C 35 9.31 -8.73 -15.12
C GLY C 35 8.60 -7.65 -15.94
N ALA C 36 9.24 -6.48 -15.99
CA ALA C 36 8.79 -5.38 -16.83
C ALA C 36 10.01 -4.69 -17.40
N ALA C 37 9.86 -4.10 -18.58
CA ALA C 37 10.89 -3.29 -19.18
C ALA C 37 10.22 -2.06 -19.74
N LEU C 38 10.68 -0.90 -19.28
CA LEU C 38 10.13 0.40 -19.68
C LEU C 38 11.15 1.12 -20.58
N VAL C 39 10.71 1.56 -21.76
CA VAL C 39 11.57 2.39 -22.63
C VAL C 39 11.12 3.83 -22.59
N THR C 40 12.08 4.73 -22.42
CA THR C 40 11.80 6.15 -22.45
C THR C 40 11.76 6.62 -23.91
N ASN C 41 11.19 7.81 -24.12
CA ASN C 41 11.17 8.43 -25.44
C ASN C 41 12.56 8.64 -26.04
N ASP C 42 13.57 8.82 -25.18
CA ASP C 42 14.94 8.95 -25.68
C ASP C 42 15.73 7.64 -25.73
N GLY C 43 15.05 6.52 -25.47
CA GLY C 43 15.60 5.19 -25.73
C GLY C 43 16.26 4.42 -24.60
N LYS C 44 16.22 4.98 -23.39
CA LYS C 44 16.78 4.31 -22.22
C LYS C 44 15.80 3.26 -21.69
N VAL C 45 16.33 2.10 -21.31
CA VAL C 45 15.51 0.99 -20.80
C VAL C 45 15.67 0.84 -19.29
N PHE C 46 14.55 0.70 -18.58
CA PHE C 46 14.56 0.43 -17.15
C PHE C 46 13.89 -0.89 -16.87
N HIS C 47 14.60 -1.77 -16.15
CA HIS C 47 14.08 -3.06 -15.73
C HIS C 47 13.23 -2.88 -14.48
N GLY C 48 12.21 -3.72 -14.34
CA GLY C 48 11.42 -3.80 -13.12
C GLY C 48 11.08 -5.24 -12.83
N CYS C 49 11.04 -5.58 -11.55
CA CYS C 49 10.60 -6.90 -11.12
C CYS C 49 9.71 -6.73 -9.89
N ASN C 50 8.88 -7.72 -9.61
CA ASN C 50 8.12 -7.71 -8.37
C ASN C 50 9.04 -7.94 -7.17
N VAL C 51 8.76 -7.23 -6.08
CA VAL C 51 9.53 -7.37 -4.83
C VAL C 51 8.52 -7.57 -3.70
N GLU C 52 8.45 -8.78 -3.17
CA GLU C 52 7.46 -9.12 -2.17
C GLU C 52 7.92 -8.84 -0.74
N ASN C 53 6.99 -8.94 0.20
CA ASN C 53 7.28 -8.67 1.60
C ASN C 53 6.39 -9.56 2.45
N ALA C 54 6.89 -9.94 3.62
CA ALA C 54 6.11 -10.74 4.58
C ALA C 54 4.77 -10.10 4.89
N SER C 55 4.74 -8.77 4.94
CA SER C 55 3.50 -8.02 4.99
C SER C 55 3.04 -7.84 3.54
N TYR C 56 2.04 -8.62 3.14
CA TYR C 56 1.69 -8.71 1.71
C TYR C 56 1.36 -7.37 1.07
N GLY C 57 0.70 -6.48 1.81
CA GLY C 57 0.29 -5.18 1.30
C GLY C 57 1.47 -4.32 0.90
N LEU C 58 2.66 -4.72 1.34
CA LEU C 58 3.88 -3.96 0.97
C LEU C 58 4.58 -4.52 -0.26
N CYS C 59 4.06 -5.59 -0.84
CA CYS C 59 4.61 -6.09 -2.11
C CYS C 59 4.57 -4.99 -3.20
N ASN C 60 5.60 -4.95 -4.04
CA ASN C 60 5.60 -4.03 -5.17
C ASN C 60 5.66 -4.80 -6.49
N CYS C 61 4.93 -4.31 -7.47
CA CYS C 61 4.85 -4.97 -8.78
C CYS C 61 5.99 -4.54 -9.71
N ALA C 62 6.31 -5.41 -10.67
CA ALA C 62 7.31 -5.10 -11.71
C ALA C 62 7.10 -3.77 -12.44
N GLU C 63 5.86 -3.50 -12.87
CA GLU C 63 5.54 -2.28 -13.62
C GLU C 63 5.90 -1.03 -12.82
N ARG C 64 5.54 -1.05 -11.53
CA ARG C 64 5.80 0.05 -10.63
C ARG C 64 7.29 0.17 -10.31
N THR C 65 7.95 -0.97 -10.08
CA THR C 65 9.40 -0.97 -9.89
C THR C 65 10.11 -0.26 -11.04
N ALA C 66 9.74 -0.59 -12.28
CA ALA C 66 10.37 0.04 -13.47
C ALA C 66 10.14 1.55 -13.53
N LEU C 67 8.87 1.94 -13.35
CA LEU C 67 8.48 3.36 -13.38
C LEU C 67 9.13 4.18 -12.26
N PHE C 68 9.15 3.63 -11.04
CA PHE C 68 9.78 4.32 -9.91
C PHE C 68 11.27 4.52 -10.14
N SER C 69 11.92 3.50 -10.72
CA SER C 69 13.34 3.59 -11.06
CA SER C 69 13.34 3.58 -11.05
C SER C 69 13.62 4.69 -12.08
N ALA C 70 12.76 4.78 -13.09
CA ALA C 70 12.91 5.80 -14.13
C ALA C 70 12.72 7.22 -13.56
N LEU C 71 11.72 7.40 -12.70
CA LEU C 71 11.53 8.67 -11.99
C LEU C 71 12.75 9.03 -11.15
N ALA C 72 13.29 8.03 -10.44
CA ALA C 72 14.45 8.22 -9.59
C ALA C 72 15.68 8.63 -10.40
N ALA C 73 15.71 8.24 -11.68
CA ALA C 73 16.81 8.60 -12.57
C ALA C 73 16.67 10.02 -13.12
N GLY C 74 15.49 10.61 -12.94
CA GLY C 74 15.24 11.98 -13.38
C GLY C 74 14.23 12.13 -14.50
N TYR C 75 13.70 11.01 -14.99
CA TYR C 75 12.62 11.07 -15.97
C TYR C 75 11.33 11.56 -15.34
N ARG C 76 10.52 12.24 -16.14
CA ARG C 76 9.28 12.87 -15.67
C ARG C 76 8.07 12.20 -16.31
N PRO C 77 6.89 12.33 -15.69
CA PRO C 77 5.67 11.78 -16.31
C PRO C 77 5.50 12.20 -17.77
N GLY C 78 5.15 11.24 -18.62
CA GLY C 78 4.93 11.52 -20.04
C GLY C 78 6.16 11.36 -20.91
N GLU C 79 7.31 11.06 -20.31
CA GLU C 79 8.56 10.90 -21.06
C GLU C 79 8.85 9.44 -21.44
N PHE C 80 7.82 8.60 -21.44
CA PHE C 80 7.99 7.18 -21.72
C PHE C 80 7.25 6.74 -22.98
N ALA C 81 7.84 5.77 -23.68
CA ALA C 81 7.29 5.29 -24.95
C ALA C 81 6.42 4.04 -24.74
N ALA C 82 6.95 3.05 -24.03
CA ALA C 82 6.25 1.78 -23.83
C ALA C 82 6.77 1.05 -22.61
N ILE C 83 5.93 0.14 -22.12
CA ILE C 83 6.32 -0.81 -21.08
C ILE C 83 5.89 -2.22 -21.50
N ALA C 84 6.79 -3.18 -21.36
CA ALA C 84 6.47 -4.60 -21.54
C ALA C 84 6.36 -5.29 -20.19
N VAL C 85 5.41 -6.21 -20.04
CA VAL C 85 5.21 -6.94 -18.78
C VAL C 85 5.09 -8.42 -19.09
N VAL C 86 5.74 -9.26 -18.28
CA VAL C 86 5.77 -10.71 -18.51
C VAL C 86 5.73 -11.53 -17.22
N GLY C 87 4.93 -12.57 -17.24
CA GLY C 87 4.91 -13.58 -16.19
C GLY C 87 4.48 -14.90 -16.81
N GLU C 88 4.51 -15.96 -16.01
CA GLU C 88 4.05 -17.28 -16.44
C GLU C 88 2.53 -17.44 -16.28
N THR C 89 1.79 -16.70 -17.09
CA THR C 89 0.33 -16.75 -17.07
C THR C 89 -0.19 -17.51 -18.29
N HIS C 90 -1.46 -17.92 -18.24
CA HIS C 90 -2.07 -18.66 -19.35
C HIS C 90 -2.07 -17.86 -20.66
N GLY C 91 -2.63 -16.66 -20.62
CA GLY C 91 -2.52 -15.71 -21.72
C GLY C 91 -1.54 -14.61 -21.35
N PRO C 92 -1.54 -13.49 -22.10
CA PRO C 92 -0.72 -12.33 -21.69
C PRO C 92 -1.06 -11.90 -20.25
N ILE C 93 -0.03 -11.59 -19.47
CA ILE C 93 -0.24 -11.17 -18.07
C ILE C 93 -1.13 -9.93 -17.99
N ALA C 94 -2.02 -9.89 -17.00
CA ALA C 94 -2.90 -8.74 -16.78
C ALA C 94 -2.38 -7.88 -15.62
N PRO C 95 -2.06 -6.60 -15.89
CA PRO C 95 -1.61 -5.75 -14.79
C PRO C 95 -2.73 -5.49 -13.79
N CYS C 96 -2.38 -5.47 -12.50
CA CYS C 96 -3.35 -5.23 -11.44
C CYS C 96 -3.79 -3.77 -11.46
N GLY C 97 -4.92 -3.49 -10.81
CA GLY C 97 -5.45 -2.12 -10.77
C GLY C 97 -4.50 -1.07 -10.21
N ALA C 98 -3.70 -1.45 -9.22
CA ALA C 98 -2.72 -0.53 -8.63
C ALA C 98 -1.67 -0.09 -9.65
N CYS C 99 -1.14 -1.06 -10.41
CA CYS C 99 -0.19 -0.73 -11.47
C CYS C 99 -0.82 0.17 -12.54
N ARG C 100 -2.07 -0.09 -12.88
CA ARG C 100 -2.78 0.70 -13.89
C ARG C 100 -2.89 2.18 -13.48
N GLN C 101 -3.16 2.41 -12.20
CA GLN C 101 -3.28 3.75 -11.65
C GLN C 101 -1.95 4.52 -11.71
N VAL C 102 -0.85 3.80 -11.45
CA VAL C 102 0.48 4.40 -11.51
C VAL C 102 0.90 4.60 -12.98
N MET C 103 0.63 3.62 -13.83
CA MET C 103 0.95 3.76 -15.25
C MET C 103 0.24 4.96 -15.88
N ILE C 104 -1.02 5.20 -15.53
CA ILE C 104 -1.75 6.29 -16.16
C ILE C 104 -1.20 7.65 -15.75
N GLU C 105 -0.77 7.80 -14.51
CA GLU C 105 -0.21 9.07 -14.05
C GLU C 105 1.20 9.31 -14.58
N LEU C 106 2.06 8.31 -14.48
CA LEU C 106 3.45 8.46 -14.88
C LEU C 106 3.67 8.27 -16.39
N GLY C 107 2.86 7.42 -17.00
CA GLY C 107 3.00 7.16 -18.44
C GLY C 107 2.06 7.97 -19.33
N LYS C 108 0.99 8.49 -18.75
CA LYS C 108 -0.12 9.13 -19.48
C LYS C 108 -0.98 8.07 -20.19
N PRO C 109 -2.27 8.39 -20.47
CA PRO C 109 -3.17 7.41 -21.11
C PRO C 109 -2.62 6.76 -22.40
N THR C 110 -1.77 7.50 -23.14
CA THR C 110 -1.24 7.02 -24.41
C THR C 110 -0.07 6.06 -24.30
N LEU C 111 0.48 5.89 -23.10
CA LEU C 111 1.59 4.93 -22.90
C LEU C 111 1.21 3.57 -23.47
N GLU C 112 2.06 3.04 -24.34
CA GLU C 112 1.86 1.71 -24.91
C GLU C 112 2.25 0.62 -23.90
N VAL C 113 1.37 -0.36 -23.75
CA VAL C 113 1.58 -1.44 -22.80
C VAL C 113 1.56 -2.77 -23.54
N VAL C 114 2.70 -3.44 -23.52
CA VAL C 114 2.90 -4.70 -24.23
C VAL C 114 2.83 -5.82 -23.20
N LEU C 115 1.75 -6.61 -23.25
CA LEU C 115 1.53 -7.66 -22.28
C LEU C 115 1.82 -9.01 -22.90
N THR C 116 2.52 -9.85 -22.15
CA THR C 116 2.97 -11.13 -22.68
C THR C 116 3.12 -12.18 -21.58
N ASN C 117 3.44 -13.41 -21.97
CA ASN C 117 3.72 -14.49 -21.03
C ASN C 117 4.99 -15.24 -21.43
N MET C 118 5.22 -16.41 -20.84
CA MET C 118 6.41 -17.18 -21.14
C MET C 118 6.22 -18.11 -22.34
N GLN C 119 5.08 -18.00 -23.01
CA GLN C 119 4.77 -18.87 -24.16
C GLN C 119 4.63 -18.14 -25.51
N GLY C 120 4.87 -16.84 -25.52
CA GLY C 120 4.85 -16.06 -26.76
C GLY C 120 3.53 -15.38 -27.08
N ASP C 121 2.57 -15.48 -26.17
CA ASP C 121 1.28 -14.82 -26.37
C ASP C 121 1.41 -13.34 -26.05
N VAL C 122 1.00 -12.48 -26.98
CA VAL C 122 1.15 -11.05 -26.85
C VAL C 122 -0.17 -10.30 -27.05
N ARG C 123 -0.36 -9.23 -26.29
CA ARG C 123 -1.46 -8.30 -26.47
C ARG C 123 -0.89 -6.89 -26.26
N VAL C 124 -1.18 -5.98 -27.17
CA VAL C 124 -0.75 -4.59 -27.01
C VAL C 124 -1.96 -3.73 -26.67
N THR C 125 -1.80 -2.87 -25.67
CA THR C 125 -2.86 -1.98 -25.25
C THR C 125 -2.24 -0.64 -24.84
N SER C 126 -3.03 0.22 -24.21
CA SER C 126 -2.53 1.48 -23.68
C SER C 126 -2.88 1.61 -22.20
N ALA C 127 -2.22 2.52 -21.50
CA ALA C 127 -2.54 2.77 -20.10
C ALA C 127 -4.00 3.24 -19.95
N GLY C 128 -4.45 4.03 -20.93
CA GLY C 128 -5.82 4.56 -20.94
C GLY C 128 -6.86 3.48 -21.12
N ASP C 129 -6.60 2.54 -22.03
CA ASP C 129 -7.52 1.43 -22.28
C ASP C 129 -7.68 0.50 -21.08
N LEU C 130 -6.61 0.34 -20.32
CA LEU C 130 -6.61 -0.52 -19.14
C LEU C 130 -7.40 0.08 -17.98
N LEU C 131 -7.56 1.40 -18.00
CA LEU C 131 -8.20 2.11 -16.90
C LEU C 131 -9.18 3.17 -17.39
N PRO C 132 -10.38 2.75 -17.84
CA PRO C 132 -11.40 3.62 -18.41
C PRO C 132 -11.91 4.59 -17.36
N ASP C 133 -12.16 5.84 -17.78
CA ASP C 133 -12.62 6.92 -16.90
C ASP C 133 -11.82 6.95 -15.60
N ALA C 134 -10.52 7.19 -15.74
CA ALA C 134 -9.57 7.12 -14.63
C ALA C 134 -9.65 8.32 -13.66
N PHE C 135 -9.16 8.10 -12.44
CA PHE C 135 -9.07 9.14 -11.43
C PHE C 135 -7.92 10.08 -11.77
N HIS D 6 31.52 -0.58 3.95
CA HIS D 6 31.62 0.49 2.91
C HIS D 6 32.87 1.37 3.09
N HIS D 7 34.03 0.71 3.09
CA HIS D 7 35.34 1.36 3.25
C HIS D 7 35.52 2.64 2.44
N HIS D 8 34.93 2.69 1.24
CA HIS D 8 35.13 3.82 0.34
C HIS D 8 33.93 4.78 0.25
N MET D 9 32.93 4.54 1.09
CA MET D 9 31.73 5.38 1.16
C MET D 9 31.57 5.94 2.58
N THR D 10 31.82 7.23 2.74
CA THR D 10 31.62 7.88 4.03
C THR D 10 30.13 8.18 4.25
N HIS D 11 29.74 8.46 5.49
CA HIS D 11 28.38 8.93 5.76
C HIS D 11 28.08 10.24 5.04
N HIS D 12 29.07 11.12 4.98
CA HIS D 12 28.94 12.40 4.29
C HIS D 12 28.64 12.22 2.80
N ALA D 13 29.38 11.31 2.16
CA ALA D 13 29.20 11.04 0.74
C ALA D 13 27.83 10.41 0.47
N LEU D 14 27.39 9.51 1.35
CA LEU D 14 26.08 8.85 1.18
C LEU D 14 24.92 9.83 1.40
N ILE D 15 25.08 10.73 2.36
CA ILE D 15 24.11 11.82 2.57
C ILE D 15 24.04 12.74 1.35
N GLU D 16 25.20 13.09 0.79
CA GLU D 16 25.26 13.91 -0.41
C GLU D 16 24.53 13.27 -1.60
N ALA D 17 24.68 11.96 -1.75
CA ALA D 17 23.97 11.22 -2.78
C ALA D 17 22.45 11.19 -2.52
N ALA D 18 22.05 11.05 -1.25
CA ALA D 18 20.63 11.09 -0.88
C ALA D 18 19.99 12.45 -1.20
N LYS D 19 20.73 13.53 -0.99
CA LYS D 19 20.24 14.88 -1.33
C LYS D 19 20.11 15.04 -2.84
N ALA D 20 21.04 14.46 -3.59
CA ALA D 20 20.98 14.48 -5.05
C ALA D 20 19.75 13.70 -5.54
N ALA D 21 19.48 12.57 -4.88
CA ALA D 21 18.30 11.74 -5.16
C ALA D 21 17.00 12.50 -4.91
N ARG D 22 16.96 13.22 -3.79
CA ARG D 22 15.79 14.00 -3.36
C ARG D 22 15.34 15.01 -4.43
N GLU D 23 16.31 15.61 -5.14
CA GLU D 23 16.02 16.60 -6.17
C GLU D 23 15.15 16.09 -7.33
N LYS D 24 15.16 14.77 -7.52
CA LYS D 24 14.41 14.13 -8.61
C LYS D 24 13.01 13.67 -8.19
N ALA D 25 12.63 13.92 -6.95
CA ALA D 25 11.32 13.49 -6.44
C ALA D 25 10.16 13.98 -7.28
N TYR D 26 9.10 13.17 -7.33
CA TYR D 26 7.85 13.57 -7.94
C TYR D 26 6.83 13.66 -6.81
N ALA D 27 6.68 14.87 -6.26
CA ALA D 27 5.80 15.08 -5.11
C ALA D 27 4.92 16.34 -5.25
N PRO D 28 4.11 16.43 -6.33
CA PRO D 28 3.28 17.61 -6.51
C PRO D 28 2.08 17.70 -5.56
N TYR D 29 1.79 16.61 -4.83
CA TYR D 29 0.64 16.60 -3.95
C TYR D 29 0.99 17.04 -2.53
N SER D 30 2.04 16.47 -1.95
CA SER D 30 2.52 16.89 -0.62
C SER D 30 3.47 18.08 -0.70
N ASN D 31 4.13 18.23 -1.84
CA ASN D 31 5.26 19.16 -1.99
C ASN D 31 6.38 18.87 -0.98
N PHE D 32 6.45 17.63 -0.54
CA PHE D 32 7.43 17.20 0.45
C PHE D 32 8.37 16.19 -0.19
N LYS D 33 9.53 16.67 -0.62
CA LYS D 33 10.49 15.84 -1.33
C LYS D 33 11.38 15.07 -0.35
N VAL D 34 11.58 13.78 -0.65
CA VAL D 34 12.44 12.95 0.16
C VAL D 34 13.45 12.26 -0.77
N GLY D 35 14.68 12.12 -0.30
CA GLY D 35 15.68 11.38 -1.06
C GLY D 35 16.30 10.27 -0.24
N ALA D 36 16.73 9.22 -0.93
CA ALA D 36 17.47 8.13 -0.30
C ALA D 36 18.61 7.70 -1.20
N ALA D 37 19.69 7.24 -0.58
CA ALA D 37 20.80 6.63 -1.31
C ALA D 37 21.22 5.36 -0.60
N LEU D 38 21.31 4.29 -1.39
CA LEU D 38 21.54 2.94 -0.88
C LEU D 38 22.87 2.47 -1.45
N VAL D 39 23.76 1.99 -0.60
CA VAL D 39 25.05 1.49 -1.07
C VAL D 39 25.12 -0.02 -0.85
N THR D 40 25.49 -0.75 -1.90
CA THR D 40 25.48 -2.22 -1.86
C THR D 40 26.78 -2.82 -1.34
N ASN D 41 26.78 -4.13 -1.16
CA ASN D 41 27.97 -4.89 -0.78
C ASN D 41 29.20 -4.65 -1.69
N ASP D 42 28.99 -4.45 -2.99
CA ASP D 42 30.09 -4.16 -3.91
C ASP D 42 30.28 -2.66 -4.23
N GLY D 43 29.66 -1.81 -3.42
CA GLY D 43 29.90 -0.36 -3.49
C GLY D 43 29.07 0.45 -4.48
N LYS D 44 28.10 -0.19 -5.13
CA LYS D 44 27.20 0.51 -6.05
C LYS D 44 26.17 1.32 -5.27
N VAL D 45 25.89 2.51 -5.77
CA VAL D 45 24.94 3.42 -5.12
C VAL D 45 23.65 3.51 -5.93
N PHE D 46 22.52 3.36 -5.25
CA PHE D 46 21.20 3.51 -5.87
C PHE D 46 20.44 4.68 -5.25
N HIS D 47 19.94 5.57 -6.10
CA HIS D 47 19.12 6.70 -5.70
C HIS D 47 17.67 6.28 -5.56
N GLY D 48 16.98 6.86 -4.60
CA GLY D 48 15.54 6.70 -4.48
C GLY D 48 14.91 8.03 -4.13
N CYS D 49 13.70 8.25 -4.60
CA CYS D 49 12.94 9.42 -4.23
C CYS D 49 11.48 9.03 -4.06
N ASN D 50 10.70 9.88 -3.39
CA ASN D 50 9.27 9.62 -3.34
C ASN D 50 8.62 9.88 -4.70
N VAL D 51 7.61 9.08 -5.03
CA VAL D 51 6.91 9.19 -6.29
C VAL D 51 5.43 9.12 -5.95
N GLU D 52 4.76 10.26 -6.08
CA GLU D 52 3.38 10.40 -5.65
C GLU D 52 2.37 10.07 -6.76
N ASN D 53 1.12 9.92 -6.34
CA ASN D 53 0.02 9.63 -7.25
C ASN D 53 -1.20 10.41 -6.77
N ALA D 54 -2.13 10.71 -7.67
CA ALA D 54 -3.34 11.49 -7.33
C ALA D 54 -4.18 10.72 -6.33
N SER D 55 -4.16 9.39 -6.46
CA SER D 55 -4.68 8.50 -5.43
C SER D 55 -3.54 8.25 -4.46
N TYR D 56 -3.62 8.90 -3.30
CA TYR D 56 -2.52 8.94 -2.33
C TYR D 56 -2.00 7.56 -1.92
N GLY D 57 -2.89 6.59 -1.83
CA GLY D 57 -2.50 5.24 -1.43
C GLY D 57 -1.50 4.57 -2.34
N LEU D 58 -1.26 5.16 -3.53
CA LEU D 58 -0.34 4.62 -4.53
CA LEU D 58 -0.30 4.58 -4.46
C LEU D 58 1.03 5.30 -4.46
N CYS D 59 1.19 6.28 -3.57
CA CYS D 59 2.47 6.94 -3.37
C CYS D 59 3.54 5.94 -2.93
N ASN D 60 4.76 6.12 -3.41
CA ASN D 60 5.90 5.32 -2.98
C ASN D 60 6.98 6.19 -2.35
N CYS D 61 7.57 5.69 -1.27
CA CYS D 61 8.62 6.41 -0.54
C CYS D 61 10.00 6.24 -1.15
N ALA D 62 10.87 7.22 -0.89
CA ALA D 62 12.24 7.21 -1.35
C ALA D 62 13.04 5.95 -0.97
N GLU D 63 12.92 5.52 0.28
CA GLU D 63 13.64 4.36 0.77
C GLU D 63 13.25 3.14 -0.07
N ARG D 64 11.95 2.97 -0.28
CA ARG D 64 11.46 1.83 -1.04
C ARG D 64 11.81 1.90 -2.52
N THR D 65 11.76 3.11 -3.10
CA THR D 65 12.21 3.32 -4.48
C THR D 65 13.66 2.89 -4.67
N ALA D 66 14.55 3.30 -3.77
CA ALA D 66 15.96 2.91 -3.82
C ALA D 66 16.15 1.38 -3.74
N LEU D 67 15.49 0.75 -2.78
CA LEU D 67 15.59 -0.69 -2.59
C LEU D 67 15.01 -1.50 -3.75
N PHE D 68 13.85 -1.08 -4.27
CA PHE D 68 13.22 -1.75 -5.42
C PHE D 68 14.10 -1.66 -6.68
N SER D 69 14.74 -0.50 -6.85
CA SER D 69 15.67 -0.26 -7.96
CA SER D 69 15.66 -0.25 -7.95
C SER D 69 16.87 -1.19 -7.87
N ALA D 70 17.44 -1.34 -6.68
CA ALA D 70 18.57 -2.22 -6.46
C ALA D 70 18.17 -3.67 -6.71
N LEU D 71 17.00 -4.07 -6.22
CA LEU D 71 16.48 -5.42 -6.49
C LEU D 71 16.33 -5.72 -7.98
N ALA D 72 15.77 -4.76 -8.71
CA ALA D 72 15.63 -4.84 -10.17
C ALA D 72 16.99 -4.99 -10.89
N ALA D 73 18.06 -4.48 -10.25
CA ALA D 73 19.42 -4.58 -10.78
C ALA D 73 20.12 -5.88 -10.38
N GLY D 74 19.43 -6.75 -9.64
CA GLY D 74 19.99 -8.06 -9.30
C GLY D 74 20.58 -8.17 -7.91
N TYR D 75 20.40 -7.14 -7.08
CA TYR D 75 20.79 -7.24 -5.67
C TYR D 75 19.70 -7.95 -4.89
N ARG D 76 20.12 -8.70 -3.88
CA ARG D 76 19.20 -9.57 -3.16
C ARG D 76 19.16 -9.20 -1.69
N PRO D 77 18.13 -9.66 -0.95
CA PRO D 77 18.13 -9.35 0.48
C PRO D 77 19.46 -9.65 1.16
N GLY D 78 19.94 -8.70 1.96
CA GLY D 78 21.19 -8.87 2.68
C GLY D 78 22.41 -8.33 1.96
N GLU D 79 22.23 -7.83 0.74
CA GLU D 79 23.37 -7.34 -0.05
C GLU D 79 23.62 -5.83 0.07
N PHE D 80 23.03 -5.19 1.08
CA PHE D 80 23.17 -3.74 1.25
C PHE D 80 23.97 -3.39 2.50
N ALA D 81 24.88 -2.42 2.35
CA ALA D 81 25.75 -1.97 3.42
C ALA D 81 25.09 -0.86 4.25
N ALA D 82 24.48 0.10 3.58
CA ALA D 82 23.91 1.27 4.25
C ALA D 82 22.89 1.98 3.38
N ILE D 83 21.97 2.70 4.03
CA ILE D 83 21.03 3.56 3.35
C ILE D 83 21.00 4.91 4.07
N ALA D 84 21.07 6.00 3.32
CA ALA D 84 20.87 7.35 3.86
C ALA D 84 19.53 7.89 3.39
N VAL D 85 18.81 8.58 4.28
CA VAL D 85 17.52 9.16 3.96
C VAL D 85 17.52 10.63 4.39
N VAL D 86 16.99 11.51 3.55
CA VAL D 86 16.99 12.97 3.81
C VAL D 86 15.65 13.63 3.43
N GLY D 87 15.17 14.54 4.27
CA GLY D 87 14.02 15.38 3.96
C GLY D 87 14.12 16.71 4.70
N GLU D 88 13.19 17.62 4.40
CA GLU D 88 13.15 18.94 5.03
C GLU D 88 12.40 18.84 6.37
N THR D 89 13.07 18.27 7.36
CA THR D 89 12.47 18.05 8.67
C THR D 89 13.29 18.73 9.77
N HIS D 90 12.67 18.92 10.94
CA HIS D 90 13.34 19.55 12.07
C HIS D 90 14.55 18.73 12.55
N GLY D 91 14.31 17.47 12.89
CA GLY D 91 15.37 16.52 13.20
C GLY D 91 15.71 15.64 12.00
N PRO D 92 16.59 14.65 12.19
CA PRO D 92 16.83 13.69 11.10
C PRO D 92 15.51 13.06 10.72
N ILE D 93 15.25 12.92 9.42
CA ILE D 93 13.98 12.38 8.95
C ILE D 93 13.72 10.97 9.52
N ALA D 94 12.47 10.71 9.90
CA ALA D 94 12.07 9.40 10.41
C ALA D 94 11.43 8.58 9.29
N PRO D 95 12.00 7.40 8.97
CA PRO D 95 11.31 6.54 8.00
C PRO D 95 9.94 6.13 8.48
N CYS D 96 8.98 6.11 7.56
CA CYS D 96 7.66 5.62 7.89
C CYS D 96 7.71 4.11 8.16
N GLY D 97 6.65 3.61 8.79
CA GLY D 97 6.55 2.19 9.17
C GLY D 97 6.60 1.20 8.00
N ALA D 98 5.94 1.56 6.90
CA ALA D 98 5.99 0.76 5.67
C ALA D 98 7.45 0.62 5.18
N CYS D 99 8.18 1.73 5.12
CA CYS D 99 9.59 1.68 4.74
C CYS D 99 10.45 0.84 5.67
N ARG D 100 10.18 0.94 6.98
CA ARG D 100 10.89 0.14 7.99
C ARG D 100 10.68 -1.36 7.79
N GLN D 101 9.46 -1.75 7.41
CA GLN D 101 9.12 -3.15 7.18
C GLN D 101 9.86 -3.71 5.95
N VAL D 102 9.92 -2.89 4.91
CA VAL D 102 10.64 -3.25 3.68
C VAL D 102 12.16 -3.25 3.91
N MET D 103 12.65 -2.23 4.61
CA MET D 103 14.06 -2.18 4.96
C MET D 103 14.51 -3.38 5.78
N ILE D 104 13.67 -3.85 6.70
CA ILE D 104 14.10 -4.96 7.54
C ILE D 104 14.15 -6.27 6.73
N GLU D 105 13.19 -6.48 5.84
CA GLU D 105 13.18 -7.67 4.97
C GLU D 105 14.31 -7.69 3.93
N LEU D 106 14.51 -6.56 3.25
CA LEU D 106 15.50 -6.49 2.18
C LEU D 106 16.93 -6.19 2.69
N GLY D 107 17.05 -5.42 3.76
CA GLY D 107 18.37 -5.04 4.29
C GLY D 107 18.85 -5.86 5.47
N LYS D 108 17.91 -6.56 6.10
CA LYS D 108 18.11 -7.31 7.36
C LYS D 108 18.23 -6.35 8.56
N PRO D 109 17.96 -6.84 9.79
CA PRO D 109 18.02 -5.99 10.99
C PRO D 109 19.31 -5.17 11.16
N THR D 110 20.42 -5.69 10.64
CA THR D 110 21.72 -5.03 10.79
C THR D 110 22.02 -3.94 9.75
N LEU D 111 21.10 -3.70 8.80
CA LEU D 111 21.32 -2.65 7.81
C LEU D 111 21.55 -1.31 8.53
N GLU D 112 22.63 -0.62 8.18
CA GLU D 112 22.93 0.70 8.75
C GLU D 112 22.07 1.75 8.06
N VAL D 113 21.38 2.55 8.88
CA VAL D 113 20.46 3.58 8.39
C VAL D 113 20.96 4.93 8.88
N VAL D 114 21.30 5.81 7.94
CA VAL D 114 21.80 7.14 8.21
C VAL D 114 20.67 8.13 7.92
N LEU D 115 20.16 8.77 8.97
CA LEU D 115 19.02 9.68 8.85
C LEU D 115 19.50 11.11 8.98
N THR D 116 19.00 11.99 8.11
CA THR D 116 19.44 13.37 8.13
C THR D 116 18.35 14.33 7.62
N ASN D 117 18.65 15.62 7.65
CA ASN D 117 17.73 16.64 7.13
C ASN D 117 18.54 17.60 6.26
N MET D 118 17.98 18.77 5.99
CA MET D 118 18.67 19.75 5.14
C MET D 118 19.47 20.76 5.97
N GLN D 119 19.64 20.48 7.26
CA GLN D 119 20.29 21.40 8.21
C GLN D 119 21.45 20.78 9.00
N GLY D 120 22.01 19.68 8.49
CA GLY D 120 23.18 19.05 9.11
C GLY D 120 22.94 18.16 10.31
N ASP D 121 21.68 17.89 10.65
CA ASP D 121 21.36 17.00 11.77
C ASP D 121 21.36 15.54 11.31
N VAL D 122 22.15 14.72 11.99
CA VAL D 122 22.34 13.32 11.59
C VAL D 122 22.13 12.40 12.77
N ARG D 123 21.45 11.27 12.55
CA ARG D 123 21.55 10.16 13.47
C ARG D 123 21.72 8.84 12.73
N VAL D 124 22.52 7.95 13.32
CA VAL D 124 22.80 6.65 12.74
C VAL D 124 22.09 5.58 13.57
N THR D 125 21.35 4.73 12.87
CA THR D 125 20.61 3.67 13.53
C THR D 125 20.68 2.41 12.65
N SER D 126 19.83 1.43 12.94
CA SER D 126 19.76 0.20 12.16
C SER D 126 18.31 -0.11 11.84
N ALA D 127 18.08 -0.96 10.83
CA ALA D 127 16.70 -1.34 10.47
C ALA D 127 16.03 -2.05 11.65
N GLY D 128 16.79 -2.89 12.35
CA GLY D 128 16.29 -3.57 13.53
C GLY D 128 15.88 -2.62 14.65
N ASP D 129 16.67 -1.60 14.90
CA ASP D 129 16.34 -0.62 15.96
C ASP D 129 15.09 0.20 15.63
N LEU D 130 14.89 0.48 14.33
CA LEU D 130 13.72 1.24 13.89
C LEU D 130 12.43 0.42 13.99
N LEU D 131 12.56 -0.89 13.99
CA LEU D 131 11.40 -1.77 14.01
C LEU D 131 11.61 -2.92 14.99
N PRO D 132 11.48 -2.63 16.31
CA PRO D 132 11.71 -3.66 17.33
C PRO D 132 10.69 -4.80 17.24
N ASP D 133 11.17 -6.03 17.47
CA ASP D 133 10.33 -7.21 17.37
CA ASP D 133 10.34 -7.22 17.37
C ASP D 133 9.51 -7.18 16.08
N ALA D 134 10.21 -7.12 14.95
CA ALA D 134 9.58 -7.00 13.64
C ALA D 134 8.78 -8.23 13.23
N PHE D 135 7.72 -8.01 12.46
CA PHE D 135 6.94 -9.09 11.87
C PHE D 135 7.74 -9.79 10.77
N TYR D 136 7.75 -11.12 10.81
CA TYR D 136 8.34 -11.94 9.76
C TYR D 136 7.36 -13.06 9.41
N LEU D 137 7.50 -13.57 8.19
CA LEU D 137 6.80 -14.77 7.78
C LEU D 137 7.85 -15.77 7.27
N ALA D 138 8.06 -16.84 8.05
CA ALA D 138 9.13 -17.80 7.79
C ALA D 138 8.90 -18.65 6.54
#